data_4BJ4
#
_entry.id   4BJ4
#
_cell.length_a   48.759
_cell.length_b   100.421
_cell.length_c   104.260
_cell.angle_alpha   90.00
_cell.angle_beta   90.00
_cell.angle_gamma   90.00
#
_symmetry.space_group_name_H-M   'P 21 21 21'
#
loop_
_entity.id
_entity.type
_entity.pdbx_description
1 polymer AMPDH2
2 non-polymer 'CITRATE ANION'
3 water water
#
_entity_poly.entity_id   1
_entity_poly.type   'polypeptide(L)'
_entity_poly.pdbx_seq_one_letter_code
;GAFMSSGPRLNTDYTSANQDSRVQFIVLHYTSTDLPHSLGILTHGGVSAHYLIGDDEPATVYRLVDENRRAWHAGVSEWQ
GRTWLNATSIGIEIVNQGYRDTPQGRVWYPFSEAQIQALIPLLKDIAKRHGITPDRIIGHSDIAPGRKVDPGPLFPWKRL
ADAGLVPWPKPGELARRLAELNGQLPDVRWFQQQLARHGYLVPQTGELEKDTRDVIGAFQMKYRPARFDGEPDLETAALL
LAVPTS
;
_entity_poly.pdbx_strand_id   A,B
#
# COMPACT_ATOMS: atom_id res chain seq x y z
N GLY A 1 23.57 -26.87 30.52
CA GLY A 1 22.63 -26.69 31.61
C GLY A 1 23.15 -27.18 32.95
N ALA A 2 23.36 -26.32 33.96
CA ALA A 2 23.23 -24.85 33.94
C ALA A 2 22.02 -24.19 33.27
N PHE A 3 22.23 -23.68 32.06
CA PHE A 3 21.10 -23.38 31.19
C PHE A 3 21.31 -23.95 29.79
N MET A 4 20.38 -24.78 29.34
CA MET A 4 20.48 -25.40 28.02
C MET A 4 20.00 -24.43 26.94
N SER A 5 20.65 -24.47 25.77
CA SER A 5 20.30 -23.62 24.65
C SER A 5 18.86 -23.86 24.19
N SER A 6 18.16 -22.77 23.85
CA SER A 6 16.81 -22.85 23.29
C SER A 6 16.38 -21.53 22.67
N GLY A 7 15.26 -21.53 21.97
CA GLY A 7 14.78 -20.31 21.31
C GLY A 7 15.10 -20.31 19.83
N PRO A 8 14.75 -19.21 19.13
CA PRO A 8 14.94 -19.04 17.68
C PRO A 8 16.40 -18.83 17.29
N ARG A 9 16.79 -19.33 16.12
CA ARG A 9 18.17 -19.26 15.66
C ARG A 9 18.24 -19.03 14.16
N LEU A 10 17.95 -17.80 13.73
CA LEU A 10 17.94 -17.50 12.31
C LEU A 10 19.27 -17.80 11.63
N ASN A 11 19.20 -18.35 10.42
CA ASN A 11 20.38 -18.46 9.57
C ASN A 11 20.41 -17.20 8.71
N THR A 12 21.47 -16.40 8.84
CA THR A 12 21.59 -15.16 8.09
C THR A 12 22.74 -15.19 7.09
N ASP A 13 23.05 -16.38 6.59
CA ASP A 13 24.18 -16.57 5.68
C ASP A 13 23.96 -15.98 4.29
N TYR A 14 22.70 -15.86 3.90
CA TYR A 14 22.35 -15.45 2.54
C TYR A 14 21.48 -14.21 2.55
N THR A 15 21.74 -13.29 1.63
CA THR A 15 20.95 -12.06 1.51
C THR A 15 20.58 -11.84 0.06
N SER A 16 19.32 -11.57 -0.19
CA SER A 16 18.82 -11.46 -1.55
CA SER A 16 18.78 -11.45 -1.54
C SER A 16 19.33 -10.23 -2.27
N ALA A 17 19.61 -10.40 -3.56
CA ALA A 17 20.04 -9.28 -4.39
C ALA A 17 18.86 -8.39 -4.75
N ASN A 18 17.65 -8.97 -4.76
CA ASN A 18 16.47 -8.25 -5.21
C ASN A 18 15.66 -7.68 -4.05
N GLN A 19 15.97 -6.43 -3.68
CA GLN A 19 15.25 -5.75 -2.62
C GLN A 19 15.46 -4.27 -2.79
N ASP A 20 14.57 -3.48 -2.21
CA ASP A 20 14.74 -2.02 -2.22
C ASP A 20 13.94 -1.42 -1.07
N SER A 21 13.63 -0.12 -1.18
CA SER A 21 13.03 0.57 -0.04
C SER A 21 11.53 0.36 0.03
N ARG A 22 10.99 0.34 1.24
CA ARG A 22 9.54 0.32 1.41
C ARG A 22 8.94 1.68 1.07
N VAL A 23 9.76 2.73 1.14
CA VAL A 23 9.27 4.08 0.82
C VAL A 23 9.29 4.31 -0.68
N GLN A 24 8.11 4.53 -1.26
CA GLN A 24 7.96 4.70 -2.70
C GLN A 24 7.51 6.10 -3.11
N PHE A 25 6.91 6.86 -2.20
CA PHE A 25 6.42 8.20 -2.52
C PHE A 25 6.78 9.22 -1.46
N ILE A 26 6.86 10.49 -1.85
CA ILE A 26 6.97 11.58 -0.88
C ILE A 26 5.72 12.42 -1.14
N VAL A 27 4.99 12.77 -0.08
CA VAL A 27 3.77 13.56 -0.20
C VAL A 27 3.92 14.89 0.52
N LEU A 28 3.61 15.98 -0.17
CA LEU A 28 3.72 17.34 0.38
C LEU A 28 2.36 17.85 0.88
N HIS A 29 2.38 18.53 2.02
CA HIS A 29 1.18 19.04 2.70
C HIS A 29 1.45 20.46 3.19
N TYR A 30 0.39 21.23 3.41
CA TYR A 30 0.48 22.40 4.31
C TYR A 30 -0.31 22.15 5.60
N THR A 31 0.04 22.86 6.66
CA THR A 31 -0.53 22.56 7.97
C THR A 31 -1.85 23.28 8.25
N SER A 32 -2.12 24.36 7.50
CA SER A 32 -3.30 25.23 7.70
C SER A 32 -3.23 26.02 9.00
N THR A 33 -2.04 26.11 9.59
CA THR A 33 -1.88 26.87 10.82
C THR A 33 -0.44 27.30 11.07
N ASP A 34 -0.20 28.03 12.15
CA ASP A 34 1.14 28.59 12.40
C ASP A 34 2.06 27.57 13.05
N LEU A 35 3.27 27.99 13.41
CA LEU A 35 4.27 27.04 13.88
C LEU A 35 3.91 26.33 15.19
N PRO A 36 3.54 27.09 16.23
CA PRO A 36 3.25 26.32 17.45
C PRO A 36 2.04 25.39 17.33
N HIS A 37 1.02 25.80 16.58
CA HIS A 37 -0.16 24.94 16.44
C HIS A 37 0.12 23.78 15.50
N SER A 38 1.01 23.99 14.53
CA SER A 38 1.49 22.91 13.67
C SER A 38 2.19 21.84 14.51
N LEU A 39 3.10 22.25 15.38
CA LEU A 39 3.76 21.28 16.24
C LEU A 39 2.75 20.55 17.14
N GLY A 40 1.73 21.27 17.61
CA GLY A 40 0.70 20.66 18.44
C GLY A 40 -0.08 19.58 17.68
N ILE A 41 -0.51 19.92 16.46
CA ILE A 41 -1.33 19.00 15.67
C ILE A 41 -0.51 17.78 15.24
N LEU A 42 0.78 17.98 14.99
CA LEU A 42 1.60 16.93 14.39
C LEU A 42 2.30 16.02 15.39
N THR A 43 2.07 16.21 16.68
CA THR A 43 2.71 15.38 17.71
C THR A 43 1.70 14.58 18.55
N HIS A 44 0.47 15.08 18.66
CA HIS A 44 -0.60 14.32 19.33
C HIS A 44 -1.94 14.44 18.60
N GLY A 45 -2.88 13.54 18.91
CA GLY A 45 -4.23 13.67 18.37
C GLY A 45 -4.52 12.93 17.06
N GLY A 46 -3.56 12.19 16.54
CA GLY A 46 -3.87 11.29 15.43
C GLY A 46 -3.41 11.64 14.02
N VAL A 47 -2.84 12.83 13.82
CA VAL A 47 -2.24 13.17 12.53
C VAL A 47 -0.75 13.43 12.72
N SER A 48 0.10 12.91 11.84
CA SER A 48 1.54 13.14 11.99
C SER A 48 2.22 13.19 10.64
N ALA A 49 3.49 13.60 10.63
CA ALA A 49 4.28 13.62 9.41
C ALA A 49 5.73 13.39 9.78
N HIS A 50 6.54 13.00 8.81
CA HIS A 50 7.95 12.78 9.09
C HIS A 50 8.73 14.07 9.29
N TYR A 51 8.44 15.07 8.48
CA TYR A 51 9.16 16.34 8.54
C TYR A 51 8.20 17.51 8.58
N LEU A 52 8.58 18.57 9.30
CA LEU A 52 7.83 19.80 9.31
C LEU A 52 8.79 20.92 8.96
N ILE A 53 8.43 21.75 7.99
CA ILE A 53 9.25 22.90 7.64
C ILE A 53 8.65 24.17 8.23
N GLY A 54 9.38 24.79 9.15
CA GLY A 54 8.92 26.00 9.81
C GLY A 54 8.84 27.23 8.93
N ASP A 55 8.35 28.32 9.51
CA ASP A 55 8.17 29.57 8.78
C ASP A 55 9.17 30.63 9.24
N ASP A 56 10.31 30.18 9.79
CA ASP A 56 11.38 31.10 10.16
C ASP A 56 12.37 31.31 9.00
N GLU A 57 13.41 32.13 9.24
CA GLU A 57 14.41 32.41 8.22
C GLU A 57 15.81 32.32 8.81
N PRO A 58 16.58 31.32 8.41
CA PRO A 58 16.20 30.26 7.46
C PRO A 58 15.17 29.31 8.06
N ALA A 59 14.49 28.55 7.21
CA ALA A 59 13.39 27.69 7.67
C ALA A 59 13.91 26.42 8.33
N THR A 60 13.58 26.25 9.62
CA THR A 60 13.94 25.05 10.38
C THR A 60 13.22 23.83 9.82
N VAL A 61 13.94 22.71 9.69
CA VAL A 61 13.32 21.45 9.31
C VAL A 61 13.30 20.56 10.53
N TYR A 62 12.11 20.27 11.04
CA TYR A 62 11.97 19.38 12.19
C TYR A 62 11.72 17.96 11.73
N ARG A 63 12.42 17.00 12.33
CA ARG A 63 12.07 15.61 12.10
C ARG A 63 11.19 15.13 13.25
N LEU A 64 9.97 14.68 12.94
CA LEU A 64 9.00 14.32 13.97
C LEU A 64 8.79 12.82 14.10
N VAL A 65 8.96 12.11 12.99
CA VAL A 65 8.84 10.66 12.95
C VAL A 65 10.00 10.11 12.13
N ASP A 66 10.72 9.12 12.64
CA ASP A 66 11.84 8.56 11.89
C ASP A 66 11.37 7.99 10.54
N GLU A 67 12.23 8.02 9.53
CA GLU A 67 11.83 7.57 8.19
C GLU A 67 11.44 6.10 8.14
N ASN A 68 12.00 5.29 9.03
CA ASN A 68 11.66 3.87 9.05
C ASN A 68 10.39 3.55 9.83
N ARG A 69 9.61 4.59 10.14
CA ARG A 69 8.33 4.40 10.84
C ARG A 69 7.23 5.01 10.02
N ARG A 70 6.00 4.57 10.28
CA ARG A 70 4.85 5.05 9.52
C ARG A 70 4.19 6.24 10.22
N ALA A 71 4.23 7.39 9.56
CA ALA A 71 3.50 8.57 10.04
C ALA A 71 2.10 8.54 9.45
N TRP A 72 1.17 9.27 10.06
CA TRP A 72 -0.24 9.22 9.64
C TRP A 72 -0.68 10.52 8.97
N HIS A 73 -0.44 10.63 7.65
CA HIS A 73 -0.64 11.91 6.96
C HIS A 73 -1.49 11.83 5.70
N ALA A 74 -1.60 10.64 5.10
CA ALA A 74 -2.23 10.47 3.77
C ALA A 74 -3.71 10.11 3.79
N GLY A 75 -4.13 9.40 4.84
CA GLY A 75 -5.50 8.91 4.92
C GLY A 75 -5.91 8.08 3.70
N VAL A 76 -7.17 8.20 3.31
CA VAL A 76 -7.67 7.54 2.12
C VAL A 76 -7.00 8.19 0.91
N SER A 77 -6.28 7.40 0.12
CA SER A 77 -5.36 7.97 -0.85
C SER A 77 -4.99 6.97 -1.94
N GLU A 78 -4.66 7.48 -3.11
CA GLU A 78 -4.17 6.62 -4.20
C GLU A 78 -3.27 7.36 -5.18
N TRP A 79 -2.17 6.72 -5.57
CA TRP A 79 -1.32 7.26 -6.63
C TRP A 79 -0.78 6.08 -7.43
N GLN A 80 -0.92 6.17 -8.75
CA GLN A 80 -0.43 5.10 -9.64
C GLN A 80 -0.95 3.72 -9.23
N GLY A 81 -2.19 3.68 -8.75
CA GLY A 81 -2.80 2.43 -8.38
C GLY A 81 -2.44 1.92 -6.99
N ARG A 82 -1.51 2.60 -6.32
CA ARG A 82 -1.14 2.25 -4.94
C ARG A 82 -2.06 2.94 -3.96
N THR A 83 -2.73 2.19 -3.09
CA THR A 83 -3.68 2.79 -2.14
C THR A 83 -3.12 2.87 -0.71
N TRP A 84 -3.77 3.67 0.13
CA TRP A 84 -3.41 3.78 1.56
C TRP A 84 -1.92 4.07 1.73
N LEU A 85 -1.52 5.25 1.27
CA LEU A 85 -0.09 5.53 1.06
C LEU A 85 0.75 5.76 2.32
N ASN A 86 0.14 5.88 3.49
CA ASN A 86 0.95 6.06 4.72
C ASN A 86 2.14 5.12 4.80
N ALA A 87 1.89 3.81 4.69
CA ALA A 87 2.94 2.83 4.92
C ALA A 87 4.09 2.89 3.92
N THR A 88 3.83 3.45 2.74
CA THR A 88 4.82 3.44 1.68
C THR A 88 5.27 4.87 1.30
N SER A 89 5.04 5.82 2.20
CA SER A 89 5.36 7.22 1.88
C SER A 89 6.09 7.94 3.00
N ILE A 90 6.76 9.03 2.64
CA ILE A 90 7.28 9.98 3.62
C ILE A 90 6.47 11.26 3.45
N GLY A 91 5.98 11.81 4.55
CA GLY A 91 5.13 12.99 4.52
C GLY A 91 5.89 14.21 5.01
N ILE A 92 5.77 15.29 4.27
CA ILE A 92 6.43 16.54 4.64
C ILE A 92 5.33 17.58 4.77
N GLU A 93 5.26 18.20 5.95
CA GLU A 93 4.31 19.28 6.22
C GLU A 93 5.05 20.62 6.15
N ILE A 94 4.37 21.65 5.65
CA ILE A 94 4.96 22.98 5.57
C ILE A 94 4.06 23.96 6.32
N VAL A 95 4.64 24.73 7.25
CA VAL A 95 3.89 25.74 7.98
C VAL A 95 3.35 26.80 7.01
N ASN A 96 2.02 26.88 6.93
CA ASN A 96 1.34 27.76 5.99
C ASN A 96 -0.13 27.77 6.36
N GLN A 97 -0.75 28.94 6.37
CA GLN A 97 -2.15 29.07 6.82
C GLN A 97 -3.18 28.47 5.87
N GLY A 98 -2.78 28.09 4.66
CA GLY A 98 -3.74 27.53 3.72
C GLY A 98 -4.50 28.64 3.01
N TYR A 99 -5.82 28.68 3.20
CA TYR A 99 -6.64 29.71 2.55
C TYR A 99 -7.65 30.28 3.52
N ARG A 100 -8.27 31.40 3.13
CA ARG A 100 -9.43 31.92 3.83
C ARG A 100 -10.55 32.16 2.82
N ASP A 101 -11.79 31.77 3.19
CA ASP A 101 -12.94 32.08 2.37
C ASP A 101 -13.27 33.57 2.49
N THR A 102 -13.62 34.17 1.36
CA THR A 102 -14.08 35.56 1.32
C THR A 102 -15.25 35.54 0.35
N PRO A 103 -16.14 36.55 0.43
CA PRO A 103 -17.27 36.55 -0.50
C PRO A 103 -16.86 36.64 -1.98
N GLN A 104 -15.58 36.90 -2.24
CA GLN A 104 -15.07 36.98 -3.60
C GLN A 104 -14.29 35.75 -4.04
N GLY A 105 -14.16 34.78 -3.14
CA GLY A 105 -13.42 33.57 -3.44
C GLY A 105 -12.29 33.36 -2.45
N ARG A 106 -11.71 32.17 -2.46
CA ARG A 106 -10.64 31.84 -1.53
C ARG A 106 -9.37 32.63 -1.85
N VAL A 107 -8.71 33.11 -0.80
CA VAL A 107 -7.41 33.75 -0.93
C VAL A 107 -6.41 32.87 -0.15
N TRP A 108 -5.40 32.36 -0.85
CA TRP A 108 -4.39 31.50 -0.21
C TRP A 108 -3.20 32.30 0.28
N TYR A 109 -2.40 31.66 1.13
CA TYR A 109 -1.20 32.27 1.72
C TYR A 109 0.06 31.80 1.02
N PRO A 110 1.00 32.71 0.77
CA PRO A 110 2.17 32.32 -0.01
C PRO A 110 3.20 31.54 0.79
N PHE A 111 4.04 30.77 0.11
CA PHE A 111 5.17 30.09 0.75
C PHE A 111 6.40 30.97 0.64
N SER A 112 7.19 31.02 1.69
CA SER A 112 8.36 31.89 1.69
C SER A 112 9.52 31.29 0.88
N GLU A 113 10.42 32.15 0.43
CA GLU A 113 11.63 31.71 -0.25
C GLU A 113 12.44 30.78 0.66
N ALA A 114 12.51 31.12 1.94
CA ALA A 114 13.30 30.31 2.90
C ALA A 114 12.76 28.89 2.97
N GLN A 115 11.43 28.75 2.96
CA GLN A 115 10.80 27.43 2.99
C GLN A 115 11.17 26.62 1.76
N ILE A 116 11.14 27.25 0.59
CA ILE A 116 11.48 26.55 -0.64
C ILE A 116 12.96 26.16 -0.63
N GLN A 117 13.79 27.04 -0.09
CA GLN A 117 15.23 26.77 0.02
C GLN A 117 15.58 25.66 1.00
N ALA A 118 14.73 25.43 1.98
CA ALA A 118 14.92 24.31 2.91
C ALA A 118 14.34 23.02 2.31
N LEU A 119 13.22 23.15 1.60
CA LEU A 119 12.53 21.97 1.05
C LEU A 119 13.30 21.25 -0.05
N ILE A 120 13.92 22.01 -0.94
CA ILE A 120 14.59 21.40 -2.09
C ILE A 120 15.74 20.44 -1.71
N PRO A 121 16.67 20.88 -0.84
CA PRO A 121 17.71 19.93 -0.43
C PRO A 121 17.17 18.75 0.37
N LEU A 122 16.12 18.97 1.17
CA LEU A 122 15.50 17.89 1.92
C LEU A 122 14.96 16.84 0.95
N LEU A 123 14.25 17.30 -0.08
CA LEU A 123 13.69 16.37 -1.08
C LEU A 123 14.79 15.63 -1.83
N LYS A 124 15.85 16.32 -2.22
CA LYS A 124 16.98 15.65 -2.88
C LYS A 124 17.59 14.56 -2.00
N ASP A 125 17.73 14.85 -0.71
CA ASP A 125 18.29 13.90 0.26
C ASP A 125 17.41 12.66 0.37
N ILE A 126 16.10 12.88 0.54
CA ILE A 126 15.19 11.74 0.69
C ILE A 126 15.09 10.92 -0.59
N ALA A 127 14.95 11.61 -1.72
CA ALA A 127 14.77 10.94 -3.00
C ALA A 127 16.00 10.10 -3.35
N LYS A 128 17.19 10.62 -3.05
CA LYS A 128 18.42 9.87 -3.37
C LYS A 128 18.52 8.63 -2.48
N ARG A 129 18.24 8.79 -1.20
CA ARG A 129 18.37 7.65 -0.28
C ARG A 129 17.37 6.53 -0.52
N HIS A 130 16.18 6.86 -0.99
CA HIS A 130 15.15 5.83 -1.20
C HIS A 130 14.89 5.48 -2.66
N GLY A 131 15.57 6.18 -3.57
CA GLY A 131 15.39 5.93 -4.99
C GLY A 131 14.01 6.34 -5.47
N ILE A 132 13.58 7.53 -5.06
CA ILE A 132 12.25 8.01 -5.42
C ILE A 132 12.34 8.90 -6.66
N THR A 133 11.63 8.50 -7.69
CA THR A 133 11.69 9.20 -8.97
C THR A 133 10.75 10.40 -8.95
N PRO A 134 10.96 11.38 -9.86
CA PRO A 134 10.20 12.63 -9.74
C PRO A 134 8.68 12.49 -9.84
N ASP A 135 8.18 11.49 -10.57
CA ASP A 135 6.74 11.27 -10.70
C ASP A 135 6.10 10.77 -9.40
N ARG A 136 6.91 10.48 -8.40
CA ARG A 136 6.39 9.97 -7.13
CA ARG A 136 6.37 9.98 -7.14
C ARG A 136 6.61 10.96 -5.99
N ILE A 137 6.91 12.21 -6.34
CA ILE A 137 6.95 13.31 -5.36
C ILE A 137 5.74 14.18 -5.68
N ILE A 138 4.69 14.07 -4.86
CA ILE A 138 3.38 14.62 -5.22
C ILE A 138 2.73 15.32 -4.03
N GLY A 139 1.57 15.96 -4.24
CA GLY A 139 0.92 16.65 -3.15
C GLY A 139 -0.25 15.86 -2.60
N HIS A 140 -0.74 16.25 -1.42
CA HIS A 140 -1.91 15.58 -0.86
C HIS A 140 -3.08 15.72 -1.84
N SER A 141 -3.18 16.86 -2.52
CA SER A 141 -4.24 17.05 -3.51
C SER A 141 -4.18 16.05 -4.66
N ASP A 142 -2.97 15.56 -4.99
CA ASP A 142 -2.84 14.57 -6.07
C ASP A 142 -3.41 13.19 -5.70
N ILE A 143 -3.24 12.80 -4.43
CA ILE A 143 -3.58 11.45 -3.99
C ILE A 143 -4.97 11.39 -3.38
N ALA A 144 -5.50 12.58 -3.04
CA ALA A 144 -6.85 12.68 -2.47
C ALA A 144 -7.58 13.86 -3.10
N PRO A 145 -7.76 13.81 -4.43
CA PRO A 145 -8.34 14.99 -5.11
C PRO A 145 -9.75 15.32 -4.63
N GLY A 146 -10.04 16.60 -4.55
CA GLY A 146 -11.31 17.04 -4.01
C GLY A 146 -11.35 17.07 -2.49
N ARG A 147 -10.92 15.98 -1.86
CA ARG A 147 -10.91 15.87 -0.38
C ARG A 147 -9.87 16.81 0.21
N LYS A 148 -8.74 16.91 -0.47
CA LYS A 148 -7.62 17.73 0.00
C LYS A 148 -7.14 18.67 -1.09
N VAL A 149 -6.81 19.92 -0.72
CA VAL A 149 -6.35 20.88 -1.70
C VAL A 149 -4.93 21.37 -1.46
N ASP A 150 -4.24 20.79 -0.48
CA ASP A 150 -2.85 21.21 -0.22
C ASP A 150 -1.88 20.44 -1.11
N PRO A 151 -0.72 21.06 -1.46
CA PRO A 151 -0.22 22.36 -0.98
C PRO A 151 -0.79 23.60 -1.66
N GLY A 152 -1.75 23.44 -2.58
CA GLY A 152 -2.52 24.57 -3.07
C GLY A 152 -1.95 25.28 -4.28
N PRO A 153 -2.72 26.25 -4.82
CA PRO A 153 -2.38 26.92 -6.08
C PRO A 153 -1.16 27.84 -5.99
N LEU A 154 -0.71 28.18 -4.78
CA LEU A 154 0.45 29.07 -4.64
C LEU A 154 1.77 28.30 -4.46
N PHE A 155 1.71 26.98 -4.37
CA PHE A 155 2.92 26.20 -4.24
C PHE A 155 3.71 26.23 -5.54
N PRO A 156 5.01 26.56 -5.47
CA PRO A 156 5.83 26.77 -6.66
C PRO A 156 6.42 25.47 -7.20
N TRP A 157 5.57 24.66 -7.83
CA TRP A 157 5.99 23.37 -8.34
C TRP A 157 7.15 23.51 -9.34
N LYS A 158 7.16 24.60 -10.12
CA LYS A 158 8.21 24.73 -11.13
C LYS A 158 9.59 24.86 -10.49
N ARG A 159 9.67 25.44 -9.28
CA ARG A 159 10.97 25.51 -8.59
C ARG A 159 11.49 24.11 -8.29
N LEU A 160 10.58 23.20 -7.98
CA LEU A 160 10.97 21.82 -7.74
C LEU A 160 11.38 21.15 -9.05
N ALA A 161 10.65 21.47 -10.12
CA ALA A 161 10.94 20.93 -11.44
C ALA A 161 12.32 21.36 -11.89
N ASP A 162 12.64 22.63 -11.66
CA ASP A 162 13.95 23.18 -12.05
C ASP A 162 15.09 22.44 -11.35
N ALA A 163 14.80 21.90 -10.17
CA ALA A 163 15.80 21.12 -9.42
C ALA A 163 15.72 19.63 -9.73
N GLY A 164 14.92 19.26 -10.72
CA GLY A 164 14.78 17.87 -11.14
C GLY A 164 13.95 16.96 -10.25
N LEU A 165 13.05 17.54 -9.45
CA LEU A 165 12.33 16.77 -8.44
C LEU A 165 10.90 16.35 -8.81
N VAL A 166 10.30 17.01 -9.81
CA VAL A 166 8.95 16.67 -10.27
C VAL A 166 8.88 16.81 -11.80
N PRO A 167 7.96 16.07 -12.46
CA PRO A 167 7.80 16.19 -13.93
C PRO A 167 7.26 17.57 -14.30
N TRP A 168 7.71 18.12 -15.44
CA TRP A 168 7.23 19.42 -15.88
C TRP A 168 7.38 19.51 -17.41
N PRO A 169 6.46 20.21 -18.09
CA PRO A 169 6.60 20.33 -19.54
C PRO A 169 7.95 20.94 -19.95
N LYS A 170 8.58 20.39 -20.97
CA LYS A 170 9.81 21.01 -21.49
C LYS A 170 9.44 22.31 -22.19
N PRO A 171 10.41 23.23 -22.33
CA PRO A 171 10.14 24.51 -22.99
C PRO A 171 9.46 24.32 -24.34
N GLY A 172 8.43 25.11 -24.62
CA GLY A 172 7.73 25.05 -25.90
C GLY A 172 6.73 23.91 -26.08
N GLU A 173 6.69 22.97 -25.15
CA GLU A 173 5.84 21.79 -25.33
C GLU A 173 4.36 22.11 -25.17
N LEU A 174 4.01 22.97 -24.23
CA LEU A 174 2.62 23.41 -24.09
C LEU A 174 2.09 23.96 -25.42
N ALA A 175 2.86 24.86 -26.03
CA ALA A 175 2.46 25.45 -27.31
C ALA A 175 2.33 24.38 -28.40
N ARG A 176 3.26 23.45 -28.45
CA ARG A 176 3.19 22.36 -29.42
C ARG A 176 1.93 21.51 -29.27
N ARG A 177 1.58 21.18 -28.03
CA ARG A 177 0.42 20.34 -27.80
C ARG A 177 -0.87 21.10 -28.09
N LEU A 178 -0.89 22.40 -27.81
CA LEU A 178 -2.04 23.23 -28.18
C LEU A 178 -2.23 23.23 -29.69
N ALA A 179 -1.12 23.31 -30.43
CA ALA A 179 -1.20 23.32 -31.89
C ALA A 179 -1.68 21.96 -32.39
N GLU A 180 -1.19 20.89 -31.75
CA GLU A 180 -1.62 19.54 -32.08
C GLU A 180 -3.13 19.34 -31.89
N LEU A 181 -3.67 19.93 -30.82
CA LEU A 181 -5.09 19.83 -30.52
C LEU A 181 -5.93 20.60 -31.55
N ASN A 182 -5.34 21.63 -32.12
CA ASN A 182 -5.94 22.35 -33.24
C ASN A 182 -7.33 22.91 -32.92
N GLY A 183 -7.52 23.36 -31.68
CA GLY A 183 -8.76 24.00 -31.29
C GLY A 183 -9.93 23.06 -31.01
N GLN A 184 -9.68 21.76 -31.06
CA GLN A 184 -10.75 20.80 -30.79
C GLN A 184 -10.58 20.15 -29.42
N LEU A 185 -11.57 20.37 -28.55
CA LEU A 185 -11.53 19.89 -27.15
C LEU A 185 -11.87 18.42 -27.12
N PRO A 186 -10.99 17.59 -26.54
CA PRO A 186 -11.34 16.16 -26.44
C PRO A 186 -12.51 15.90 -25.48
N ASP A 187 -13.13 14.74 -25.59
CA ASP A 187 -14.30 14.45 -24.74
C ASP A 187 -13.89 14.06 -23.32
N VAL A 188 -14.87 13.88 -22.43
CA VAL A 188 -14.55 13.65 -21.04
C VAL A 188 -13.80 12.34 -20.85
N ARG A 189 -14.14 11.33 -21.65
CA ARG A 189 -13.46 10.04 -21.56
C ARG A 189 -11.96 10.21 -21.80
N TRP A 190 -11.61 11.05 -22.77
CA TRP A 190 -10.19 11.28 -23.05
C TRP A 190 -9.50 11.93 -21.85
N PHE A 191 -10.15 12.92 -21.24
CA PHE A 191 -9.58 13.55 -20.05
C PHE A 191 -9.36 12.51 -18.93
N GLN A 192 -10.35 11.65 -18.73
CA GLN A 192 -10.24 10.59 -17.72
C GLN A 192 -9.08 9.63 -18.00
N GLN A 193 -8.92 9.23 -19.25
CA GLN A 193 -7.82 8.35 -19.63
C GLN A 193 -6.46 9.00 -19.37
N GLN A 194 -6.36 10.29 -19.72
CA GLN A 194 -5.09 11.00 -19.54
C GLN A 194 -4.73 11.14 -18.08
N LEU A 195 -5.70 11.53 -17.26
CA LEU A 195 -5.45 11.67 -15.82
C LEU A 195 -4.97 10.36 -15.18
N ALA A 196 -5.60 9.24 -15.54
CA ALA A 196 -5.20 7.96 -14.98
C ALA A 196 -3.75 7.62 -15.39
N ARG A 197 -3.41 7.93 -16.63
CA ARG A 197 -2.06 7.70 -17.15
C ARG A 197 -1.03 8.47 -16.33
N HIS A 198 -1.43 9.63 -15.81
CA HIS A 198 -0.55 10.43 -14.97
C HIS A 198 -0.46 9.94 -13.54
N GLY A 199 -1.36 9.03 -13.17
CA GLY A 199 -1.33 8.43 -11.84
C GLY A 199 -2.56 8.67 -10.99
N TYR A 200 -3.48 9.51 -11.47
CA TYR A 200 -4.67 9.85 -10.71
C TYR A 200 -5.72 8.74 -10.66
N LEU A 201 -6.34 8.58 -9.49
CA LEU A 201 -7.56 7.81 -9.40
C LEU A 201 -8.70 8.64 -9.98
N VAL A 202 -9.35 8.13 -11.01
CA VAL A 202 -10.42 8.87 -11.68
C VAL A 202 -11.35 7.89 -12.37
N PRO A 203 -12.67 8.18 -12.36
CA PRO A 203 -13.61 7.29 -13.06
C PRO A 203 -13.30 7.19 -14.55
N GLN A 204 -13.71 6.10 -15.18
CA GLN A 204 -13.54 5.95 -16.63
C GLN A 204 -14.89 5.76 -17.31
N THR A 205 -15.83 6.63 -16.96
CA THR A 205 -17.21 6.53 -17.41
C THR A 205 -17.54 7.39 -18.65
N GLY A 206 -16.68 8.35 -18.95
CA GLY A 206 -16.93 9.28 -20.03
C GLY A 206 -17.88 10.40 -19.64
N GLU A 207 -18.29 10.42 -18.37
CA GLU A 207 -19.24 11.42 -17.87
CA GLU A 207 -19.21 11.44 -17.91
C GLU A 207 -18.60 12.34 -16.84
N LEU A 208 -18.90 13.64 -16.92
CA LEU A 208 -18.28 14.62 -16.03
C LEU A 208 -19.10 14.86 -14.77
N GLU A 209 -18.92 13.99 -13.77
CA GLU A 209 -19.58 14.18 -12.49
C GLU A 209 -18.56 14.76 -11.52
N LYS A 210 -18.98 15.05 -10.29
CA LYS A 210 -18.10 15.71 -9.34
C LYS A 210 -16.76 15.00 -9.13
N ASP A 211 -16.79 13.68 -9.03
CA ASP A 211 -15.56 12.93 -8.82
C ASP A 211 -14.54 13.12 -9.95
N THR A 212 -14.98 13.24 -11.20
CA THR A 212 -14.05 13.55 -12.28
C THR A 212 -13.61 15.01 -12.26
N ARG A 213 -14.57 15.91 -12.01
CA ARG A 213 -14.27 17.33 -11.95
C ARG A 213 -13.20 17.62 -10.89
N ASP A 214 -13.30 16.93 -9.75
CA ASP A 214 -12.32 17.13 -8.67
C ASP A 214 -10.90 16.75 -9.09
N VAL A 215 -10.78 15.70 -9.91
CA VAL A 215 -9.47 15.25 -10.39
C VAL A 215 -8.89 16.22 -11.42
N ILE A 216 -9.75 16.68 -12.33
CA ILE A 216 -9.31 17.68 -13.31
C ILE A 216 -8.81 18.92 -12.58
N GLY A 217 -9.53 19.29 -11.54
CA GLY A 217 -9.20 20.48 -10.76
C GLY A 217 -7.89 20.34 -10.01
N ALA A 218 -7.62 19.15 -9.48
CA ALA A 218 -6.35 18.91 -8.78
C ALA A 218 -5.17 19.06 -9.74
N PHE A 219 -5.34 18.52 -10.95
CA PHE A 219 -4.29 18.62 -11.97
C PHE A 219 -4.11 20.09 -12.36
N GLN A 220 -5.22 20.81 -12.51
CA GLN A 220 -5.13 22.23 -12.89
C GLN A 220 -4.47 23.06 -11.81
N MET A 221 -4.78 22.76 -10.55
CA MET A 221 -4.26 23.52 -9.43
C MET A 221 -2.73 23.41 -9.39
N LYS A 222 -2.22 22.29 -9.89
CA LYS A 222 -0.78 22.03 -9.88
C LYS A 222 -0.06 22.66 -11.07
N TYR A 223 -0.66 22.56 -12.25
CA TYR A 223 0.02 22.95 -13.48
C TYR A 223 -0.50 24.25 -14.13
N ARG A 224 -1.75 24.60 -13.84
CA ARG A 224 -2.37 25.81 -14.42
C ARG A 224 -3.20 26.50 -13.34
N PRO A 225 -2.53 26.96 -12.25
CA PRO A 225 -3.25 27.43 -11.05
C PRO A 225 -4.12 28.66 -11.27
N ALA A 226 -3.99 29.34 -12.40
CA ALA A 226 -4.88 30.47 -12.69
C ALA A 226 -6.36 30.06 -12.67
N ARG A 227 -6.66 28.84 -13.09
CA ARG A 227 -8.04 28.37 -13.02
C ARG A 227 -8.06 26.88 -12.76
N PHE A 228 -8.66 26.49 -11.64
CA PHE A 228 -8.73 25.07 -11.29
C PHE A 228 -10.12 24.64 -10.86
N ASP A 229 -11.12 25.10 -11.62
CA ASP A 229 -12.52 24.76 -11.37
C ASP A 229 -12.94 23.38 -11.88
N GLY A 230 -12.00 22.65 -12.48
CA GLY A 230 -12.26 21.29 -12.89
C GLY A 230 -12.98 21.17 -14.22
N GLU A 231 -13.17 22.30 -14.90
CA GLU A 231 -13.83 22.29 -16.21
C GLU A 231 -12.84 21.97 -17.33
N PRO A 232 -13.14 20.95 -18.16
CA PRO A 232 -12.24 20.67 -19.28
C PRO A 232 -12.06 21.89 -20.20
N ASP A 233 -10.82 22.19 -20.55
CA ASP A 233 -10.54 23.20 -21.58
C ASP A 233 -9.30 22.83 -22.37
N LEU A 234 -9.05 23.58 -23.44
CA LEU A 234 -7.95 23.23 -24.33
C LEU A 234 -6.59 23.27 -23.67
N GLU A 235 -6.35 24.26 -22.81
CA GLU A 235 -5.06 24.40 -22.15
C GLU A 235 -4.79 23.22 -21.21
N THR A 236 -5.84 22.76 -20.53
CA THR A 236 -5.69 21.60 -19.64
C THR A 236 -5.40 20.36 -20.46
N ALA A 237 -6.10 20.19 -21.58
CA ALA A 237 -5.83 19.06 -22.47
C ALA A 237 -4.39 19.09 -22.97
N ALA A 238 -3.91 20.26 -23.35
CA ALA A 238 -2.53 20.41 -23.79
C ALA A 238 -1.54 20.04 -22.68
N LEU A 239 -1.82 20.45 -21.46
CA LEU A 239 -0.96 20.09 -20.32
C LEU A 239 -0.97 18.59 -20.05
N LEU A 240 -2.13 17.95 -20.22
CA LEU A 240 -2.21 16.49 -20.03
C LEU A 240 -1.31 15.76 -21.03
N LEU A 241 -1.13 16.34 -22.20
CA LEU A 241 -0.20 15.80 -23.18
C LEU A 241 1.23 16.23 -22.90
N ALA A 242 1.41 17.47 -22.46
CA ALA A 242 2.75 18.05 -22.32
C ALA A 242 3.54 17.63 -21.07
N VAL A 243 2.84 17.39 -19.96
CA VAL A 243 3.52 16.96 -18.74
C VAL A 243 4.05 15.54 -18.94
N PRO A 244 5.36 15.32 -18.72
CA PRO A 244 5.92 13.98 -18.91
C PRO A 244 5.50 13.02 -17.81
N THR A 245 5.59 11.72 -18.12
CA THR A 245 5.42 10.69 -17.11
C THR A 245 6.71 9.89 -17.04
N SER A 246 7.66 10.24 -17.91
CA SER A 246 8.92 9.52 -18.06
C SER A 246 10.08 10.47 -18.34
N GLY B 1 31.02 9.38 18.43
CA GLY B 1 30.73 8.53 17.30
C GLY B 1 31.78 8.80 16.27
N ALA B 2 31.37 8.97 15.00
CA ALA B 2 32.35 9.31 13.96
C ALA B 2 31.86 9.73 12.59
N PHE B 3 30.60 10.18 12.44
CA PHE B 3 30.24 10.85 11.18
C PHE B 3 29.12 11.87 11.36
N MET B 4 29.14 12.95 10.58
CA MET B 4 28.01 13.88 10.59
C MET B 4 27.02 13.50 9.48
N SER B 5 25.87 14.15 9.43
CA SER B 5 24.83 13.74 8.49
C SER B 5 25.19 14.15 7.08
N SER B 6 24.74 13.35 6.11
CA SER B 6 24.93 13.68 4.70
C SER B 6 23.80 14.60 4.25
N GLY B 7 22.77 14.73 5.08
CA GLY B 7 21.59 15.48 4.71
C GLY B 7 21.56 16.87 5.32
N PRO B 8 20.42 17.57 5.17
CA PRO B 8 20.22 18.90 5.76
C PRO B 8 20.20 18.85 7.28
N ARG B 9 20.43 20.01 7.91
CA ARG B 9 20.39 20.11 9.36
C ARG B 9 18.95 19.94 9.85
N LEU B 10 18.77 19.09 10.86
CA LEU B 10 17.44 18.79 11.39
C LEU B 10 17.29 19.15 12.86
N ASN B 11 16.11 19.61 13.23
CA ASN B 11 15.77 19.81 14.63
C ASN B 11 15.01 18.57 15.10
N THR B 12 15.50 17.94 16.16
CA THR B 12 14.89 16.72 16.70
C THR B 12 14.34 16.88 18.11
N ASP B 13 13.97 18.10 18.47
CA ASP B 13 13.45 18.36 19.82
C ASP B 13 12.02 17.81 20.00
N TYR B 14 11.33 17.60 18.88
CA TYR B 14 9.94 17.15 18.91
C TYR B 14 9.77 15.78 18.27
N THR B 15 9.06 14.87 18.97
CA THR B 15 8.75 13.55 18.43
C THR B 15 7.26 13.25 18.54
N SER B 16 6.66 12.83 17.43
CA SER B 16 5.23 12.50 17.42
C SER B 16 4.91 11.21 18.16
N ALA B 17 3.83 11.22 18.93
CA ALA B 17 3.35 9.99 19.58
C ALA B 17 2.57 9.10 18.61
N ASN B 18 2.10 9.70 17.52
CA ASN B 18 1.24 9.03 16.56
C ASN B 18 2.01 8.42 15.41
N GLN B 19 2.61 7.27 15.66
CA GLN B 19 3.38 6.56 14.62
C GLN B 19 3.36 5.08 14.93
N ASP B 20 3.59 4.26 13.91
CA ASP B 20 3.64 2.81 14.10
C ASP B 20 4.43 2.19 12.97
N SER B 21 4.25 0.90 12.71
CA SER B 21 5.09 0.24 11.73
C SER B 21 4.59 0.41 10.29
N ARG B 22 5.55 0.48 9.36
CA ARG B 22 5.24 0.44 7.94
C ARG B 22 4.74 -0.95 7.51
N VAL B 23 5.14 -1.97 8.26
CA VAL B 23 4.71 -3.33 7.95
C VAL B 23 3.29 -3.58 8.45
N GLN B 24 2.38 -3.84 7.51
CA GLN B 24 0.95 -3.98 7.78
C GLN B 24 0.46 -5.41 7.71
N PHE B 25 1.09 -6.21 6.85
CA PHE B 25 0.63 -7.57 6.58
C PHE B 25 1.80 -8.56 6.61
N ILE B 26 1.51 -9.83 6.89
CA ILE B 26 2.45 -10.91 6.65
C ILE B 26 1.82 -11.83 5.62
N VAL B 27 2.55 -12.17 4.56
CA VAL B 27 2.02 -13.03 3.50
C VAL B 27 2.75 -14.36 3.46
N LEU B 28 1.99 -15.46 3.46
CA LEU B 28 2.58 -16.81 3.42
C LEU B 28 2.59 -17.38 2.01
N HIS B 29 3.68 -18.06 1.66
CA HIS B 29 3.88 -18.62 0.33
C HIS B 29 4.45 -20.02 0.46
N TYR B 30 4.23 -20.86 -0.55
CA TYR B 30 5.11 -22.03 -0.72
C TYR B 30 6.04 -21.82 -1.91
N THR B 31 7.20 -22.49 -1.91
CA THR B 31 8.21 -22.26 -2.94
C THR B 31 7.97 -22.98 -4.26
N SER B 32 7.24 -24.10 -4.20
CA SER B 32 7.08 -25.02 -5.34
C SER B 32 8.39 -25.67 -5.79
N THR B 33 9.40 -25.64 -4.93
CA THR B 33 10.66 -26.27 -5.29
C THR B 33 11.47 -26.65 -4.06
N ASP B 34 12.53 -27.44 -4.25
CA ASP B 34 13.29 -28.00 -3.14
C ASP B 34 14.12 -26.94 -2.41
N LEU B 35 14.73 -27.33 -1.30
CA LEU B 35 15.43 -26.36 -0.44
C LEU B 35 16.61 -25.63 -1.11
N PRO B 36 17.62 -26.36 -1.60
CA PRO B 36 18.75 -25.66 -2.21
C PRO B 36 18.36 -24.78 -3.40
N HIS B 37 17.43 -25.22 -4.25
CA HIS B 37 17.00 -24.40 -5.37
C HIS B 37 16.19 -23.17 -4.90
N SER B 38 15.39 -23.35 -3.85
CA SER B 38 14.64 -22.23 -3.27
C SER B 38 15.57 -21.14 -2.78
N LEU B 39 16.66 -21.54 -2.13
CA LEU B 39 17.62 -20.57 -1.60
C LEU B 39 18.28 -19.84 -2.76
N GLY B 40 18.60 -20.57 -3.82
CA GLY B 40 19.16 -19.98 -5.02
C GLY B 40 18.25 -18.94 -5.66
N ILE B 41 16.99 -19.29 -5.90
CA ILE B 41 16.00 -18.39 -6.49
C ILE B 41 15.78 -17.15 -5.64
N LEU B 42 15.60 -17.35 -4.34
CA LEU B 42 15.28 -16.23 -3.46
C LEU B 42 16.48 -15.30 -3.18
N THR B 43 17.69 -15.81 -3.43
CA THR B 43 18.93 -15.02 -3.24
C THR B 43 19.37 -14.33 -4.54
N HIS B 44 19.14 -14.97 -5.68
CA HIS B 44 19.69 -14.48 -6.95
C HIS B 44 18.66 -14.24 -8.06
N GLY B 45 17.38 -14.47 -7.77
CA GLY B 45 16.37 -14.36 -8.81
C GLY B 45 15.46 -13.15 -8.65
N GLY B 46 14.43 -13.08 -9.49
CA GLY B 46 13.50 -11.97 -9.49
C GLY B 46 12.54 -11.96 -8.32
N VAL B 47 12.39 -13.12 -7.67
CA VAL B 47 11.53 -13.25 -6.49
C VAL B 47 12.39 -13.23 -5.23
N SER B 48 11.94 -12.52 -4.19
CA SER B 48 12.61 -12.60 -2.90
C SER B 48 11.59 -12.58 -1.77
N ALA B 49 12.05 -12.89 -0.56
CA ALA B 49 11.17 -12.88 0.59
C ALA B 49 12.02 -12.64 1.81
N HIS B 50 11.39 -12.23 2.90
CA HIS B 50 12.13 -11.94 4.12
C HIS B 50 12.64 -13.21 4.80
N TYR B 51 11.80 -14.24 4.84
CA TYR B 51 12.15 -15.49 5.53
C TYR B 51 11.84 -16.69 4.65
N LEU B 52 12.69 -17.72 4.78
CA LEU B 52 12.47 -19.02 4.14
C LEU B 52 12.46 -20.10 5.20
N ILE B 53 11.44 -20.95 5.22
CA ILE B 53 11.42 -22.06 6.17
C ILE B 53 11.71 -23.35 5.43
N GLY B 54 12.79 -24.03 5.82
CA GLY B 54 13.23 -25.23 5.13
C GLY B 54 12.33 -26.42 5.40
N ASP B 55 12.60 -27.51 4.69
CA ASP B 55 11.90 -28.77 4.87
C ASP B 55 12.80 -29.79 5.55
N ASP B 56 13.77 -29.30 6.33
CA ASP B 56 14.63 -30.19 7.10
C ASP B 56 14.06 -30.38 8.50
N GLU B 57 14.73 -31.21 9.32
CA GLU B 57 14.27 -31.44 10.69
C GLU B 57 15.41 -31.28 11.70
N PRO B 58 15.26 -30.34 12.64
CA PRO B 58 14.22 -29.31 12.71
C PRO B 58 14.31 -28.34 11.54
N ALA B 59 13.26 -27.55 11.33
CA ALA B 59 13.17 -26.68 10.17
C ALA B 59 14.05 -25.45 10.33
N THR B 60 15.03 -25.28 9.45
CA THR B 60 15.89 -24.09 9.48
C THR B 60 15.09 -22.89 9.02
N VAL B 61 15.17 -21.78 9.75
CA VAL B 61 14.58 -20.54 9.29
C VAL B 61 15.69 -19.61 8.82
N TYR B 62 15.65 -19.26 7.53
CA TYR B 62 16.60 -18.31 6.95
C TYR B 62 16.00 -16.91 6.90
N ARG B 63 16.79 -15.88 7.23
CA ARG B 63 16.36 -14.51 6.93
C ARG B 63 17.16 -14.03 5.73
N LEU B 64 16.46 -13.64 4.66
CA LEU B 64 17.10 -13.30 3.38
C LEU B 64 17.03 -11.81 3.04
N VAL B 65 16.07 -11.11 3.65
CA VAL B 65 15.88 -9.67 3.43
C VAL B 65 15.51 -9.05 4.77
N ASP B 66 16.22 -8.01 5.18
CA ASP B 66 15.92 -7.31 6.44
C ASP B 66 14.47 -6.86 6.46
N GLU B 67 13.85 -6.87 7.64
CA GLU B 67 12.43 -6.56 7.75
C GLU B 67 12.13 -5.13 7.30
N ASN B 68 13.13 -4.25 7.42
CA ASN B 68 12.93 -2.85 7.05
C ASN B 68 13.05 -2.61 5.55
N ARG B 69 13.23 -3.67 4.77
CA ARG B 69 13.36 -3.53 3.33
C ARG B 69 12.20 -4.16 2.59
N ARG B 70 11.98 -3.73 1.35
CA ARG B 70 10.96 -4.33 0.49
C ARG B 70 11.49 -5.55 -0.28
N ALA B 71 10.90 -6.73 -0.01
CA ALA B 71 11.15 -7.93 -0.78
C ALA B 71 10.10 -8.06 -1.88
N TRP B 72 10.37 -8.88 -2.89
CA TRP B 72 9.49 -9.02 -4.05
C TRP B 72 8.79 -10.37 -4.13
N HIS B 73 7.63 -10.46 -3.49
CA HIS B 73 6.97 -11.74 -3.33
C HIS B 73 5.49 -11.69 -3.66
N ALA B 74 4.89 -10.50 -3.62
CA ALA B 74 3.43 -10.40 -3.69
C ALA B 74 2.88 -10.08 -5.08
N GLY B 75 3.63 -9.32 -5.85
CA GLY B 75 3.18 -8.91 -7.17
C GLY B 75 1.89 -8.11 -7.13
N VAL B 76 1.07 -8.22 -8.18
CA VAL B 76 -0.23 -7.56 -8.20
C VAL B 76 -1.09 -8.22 -7.11
N SER B 77 -1.62 -7.42 -6.18
CA SER B 77 -2.20 -7.99 -4.98
C SER B 77 -3.07 -6.99 -4.25
N GLU B 78 -4.00 -7.49 -3.45
CA GLU B 78 -4.84 -6.56 -2.68
C GLU B 78 -5.41 -7.24 -1.46
N TRP B 79 -5.37 -6.56 -0.32
CA TRP B 79 -6.02 -7.07 0.88
C TRP B 79 -6.63 -5.90 1.65
N GLN B 80 -7.93 -5.98 1.93
CA GLN B 80 -8.64 -4.93 2.66
C GLN B 80 -8.47 -3.58 1.97
N GLY B 81 -8.46 -3.60 0.64
CA GLY B 81 -8.36 -2.37 -0.13
C GLY B 81 -6.95 -1.83 -0.28
N ARG B 82 -5.98 -2.46 0.37
CA ARG B 82 -4.57 -2.07 0.24
C ARG B 82 -3.97 -2.83 -0.96
N THR B 83 -3.43 -2.10 -1.93
CA THR B 83 -2.87 -2.72 -3.13
C THR B 83 -1.34 -2.76 -3.11
N TRP B 84 -0.76 -3.55 -4.01
CA TRP B 84 0.69 -3.61 -4.21
C TRP B 84 1.42 -3.87 -2.90
N LEU B 85 1.18 -5.04 -2.32
CA LEU B 85 1.56 -5.30 -0.92
C LEU B 85 3.05 -5.49 -0.60
N ASN B 86 3.91 -5.57 -1.61
CA ASN B 86 5.34 -5.74 -1.33
C ASN B 86 5.88 -4.72 -0.31
N ALA B 87 5.58 -3.45 -0.53
CA ALA B 87 6.17 -2.39 0.27
C ALA B 87 5.65 -2.38 1.69
N THR B 88 4.52 -3.03 1.91
CA THR B 88 3.86 -2.95 3.20
CA THR B 88 3.86 -2.96 3.19
C THR B 88 3.72 -4.32 3.88
N SER B 89 4.40 -5.33 3.35
CA SER B 89 4.28 -6.67 3.93
C SER B 89 5.63 -7.31 4.24
N ILE B 90 5.59 -8.32 5.11
CA ILE B 90 6.69 -9.25 5.25
C ILE B 90 6.26 -10.55 4.58
N GLY B 91 7.17 -11.13 3.80
CA GLY B 91 6.86 -12.32 3.03
C GLY B 91 7.63 -13.49 3.61
N ILE B 92 6.94 -14.61 3.80
CA ILE B 92 7.55 -15.82 4.34
C ILE B 92 7.30 -16.92 3.33
N GLU B 93 8.40 -17.54 2.89
CA GLU B 93 8.33 -18.67 1.97
C GLU B 93 8.56 -19.96 2.74
N ILE B 94 7.82 -21.01 2.36
CA ILE B 94 7.94 -22.31 2.99
C ILE B 94 8.28 -23.35 1.93
N VAL B 95 9.35 -24.12 2.15
CA VAL B 95 9.75 -25.15 1.18
C VAL B 95 8.69 -26.28 1.10
N ASN B 96 8.07 -26.39 -0.07
CA ASN B 96 6.95 -27.31 -0.29
C ASN B 96 6.69 -27.36 -1.79
N GLN B 97 6.39 -28.54 -2.34
CA GLN B 97 6.34 -28.68 -3.80
C GLN B 97 5.06 -28.08 -4.40
N GLY B 98 4.11 -27.73 -3.54
CA GLY B 98 2.88 -27.09 -4.00
C GLY B 98 1.81 -28.07 -4.47
N TYR B 99 1.65 -28.19 -5.78
CA TYR B 99 0.74 -29.20 -6.31
C TYR B 99 1.31 -29.85 -7.56
N ARG B 100 0.60 -30.87 -8.04
CA ARG B 100 1.02 -31.65 -9.20
C ARG B 100 -0.25 -32.14 -9.88
N ASP B 101 -0.39 -31.87 -11.19
CA ASP B 101 -1.54 -32.31 -11.94
C ASP B 101 -1.36 -33.74 -12.47
N THR B 102 -2.39 -34.57 -12.31
CA THR B 102 -2.33 -35.99 -12.70
C THR B 102 -3.63 -36.37 -13.42
N PRO B 103 -3.73 -37.60 -13.97
CA PRO B 103 -5.00 -38.01 -14.59
C PRO B 103 -6.12 -38.25 -13.58
N GLN B 104 -5.76 -38.58 -12.34
CA GLN B 104 -6.74 -38.73 -11.27
C GLN B 104 -7.07 -37.37 -10.66
N GLY B 105 -6.46 -36.32 -11.21
CA GLY B 105 -6.69 -34.97 -10.76
C GLY B 105 -5.48 -34.35 -10.09
N ARG B 106 -5.67 -33.16 -9.53
CA ARG B 106 -4.59 -32.44 -8.87
C ARG B 106 -4.28 -33.01 -7.50
N VAL B 107 -3.01 -33.18 -7.19
CA VAL B 107 -2.64 -33.60 -5.84
C VAL B 107 -1.82 -32.52 -5.16
N TRP B 108 -1.89 -32.48 -3.84
CA TRP B 108 -1.24 -31.44 -3.06
C TRP B 108 -0.23 -32.02 -2.08
N TYR B 109 0.74 -31.20 -1.70
CA TYR B 109 1.81 -31.66 -0.81
C TYR B 109 1.63 -31.11 0.59
N PRO B 110 1.72 -31.98 1.60
CA PRO B 110 1.51 -31.64 3.01
C PRO B 110 2.65 -30.80 3.58
N PHE B 111 2.36 -30.14 4.69
CA PHE B 111 3.34 -29.37 5.42
C PHE B 111 3.71 -30.18 6.66
N SER B 112 4.96 -30.10 7.09
CA SER B 112 5.41 -30.96 8.18
C SER B 112 5.21 -30.32 9.55
N GLU B 113 5.16 -31.15 10.58
CA GLU B 113 5.10 -30.66 11.94
C GLU B 113 6.30 -29.77 12.24
N ALA B 114 7.49 -30.15 11.77
CA ALA B 114 8.68 -29.35 11.99
C ALA B 114 8.51 -27.94 11.42
N GLN B 115 7.89 -27.86 10.24
CA GLN B 115 7.69 -26.56 9.60
C GLN B 115 6.70 -25.72 10.41
N ILE B 116 5.65 -26.35 10.91
CA ILE B 116 4.65 -25.61 11.67
C ILE B 116 5.26 -25.14 12.98
N GLN B 117 6.07 -25.99 13.59
CA GLN B 117 6.72 -25.65 14.86
C GLN B 117 7.72 -24.51 14.75
N ALA B 118 8.28 -24.31 13.57
CA ALA B 118 9.17 -23.16 13.32
C ALA B 118 8.38 -21.91 12.93
N LEU B 119 7.31 -22.12 12.16
CA LEU B 119 6.50 -21.00 11.67
C LEU B 119 5.75 -20.27 12.78
N ILE B 120 5.13 -21.01 13.68
CA ILE B 120 4.34 -20.38 14.74
C ILE B 120 5.12 -19.36 15.59
N PRO B 121 6.27 -19.75 16.18
CA PRO B 121 6.96 -18.73 16.97
C PRO B 121 7.49 -17.58 16.12
N LEU B 122 7.88 -17.84 14.86
CA LEU B 122 8.30 -16.79 13.95
C LEU B 122 7.16 -15.78 13.73
N LEU B 123 5.97 -16.27 13.44
CA LEU B 123 4.82 -15.39 13.25
C LEU B 123 4.51 -14.58 14.50
N LYS B 124 4.59 -15.21 15.67
CA LYS B 124 4.32 -14.48 16.91
C LYS B 124 5.29 -13.36 17.12
N ASP B 125 6.57 -13.62 16.84
CA ASP B 125 7.62 -12.63 16.99
C ASP B 125 7.39 -11.46 16.06
N ILE B 126 7.12 -11.75 14.79
CA ILE B 126 6.91 -10.66 13.82
C ILE B 126 5.66 -9.86 14.17
N ALA B 127 4.57 -10.55 14.49
CA ALA B 127 3.29 -9.89 14.74
C ALA B 127 3.37 -8.98 15.95
N LYS B 128 4.12 -9.40 16.98
CA LYS B 128 4.26 -8.56 18.16
C LYS B 128 5.11 -7.32 17.88
N ARG B 129 6.23 -7.51 17.18
CA ARG B 129 7.14 -6.40 16.89
C ARG B 129 6.47 -5.32 16.02
N HIS B 130 5.62 -5.75 15.10
CA HIS B 130 5.02 -4.82 14.14
C HIS B 130 3.55 -4.52 14.40
N GLY B 131 2.98 -5.16 15.42
CA GLY B 131 1.59 -4.93 15.76
C GLY B 131 0.66 -5.36 14.65
N ILE B 132 0.91 -6.54 14.10
CA ILE B 132 0.08 -7.08 13.03
C ILE B 132 -1.05 -7.94 13.61
N THR B 133 -2.29 -7.64 13.24
CA THR B 133 -3.45 -8.33 13.79
C THR B 133 -3.73 -9.62 13.02
N PRO B 134 -4.47 -10.55 13.64
CA PRO B 134 -4.64 -11.87 13.00
C PRO B 134 -5.24 -11.80 11.59
N ASP B 135 -6.12 -10.85 11.34
CA ASP B 135 -6.76 -10.74 10.02
C ASP B 135 -5.78 -10.32 8.91
N ARG B 136 -4.57 -9.92 9.29
CA ARG B 136 -3.58 -9.47 8.31
C ARG B 136 -2.38 -10.42 8.19
N ILE B 137 -2.55 -11.64 8.68
CA ILE B 137 -1.61 -12.73 8.40
C ILE B 137 -2.34 -13.66 7.43
N ILE B 138 -2.00 -13.58 6.14
CA ILE B 138 -2.81 -14.20 5.09
C ILE B 138 -1.92 -14.92 4.08
N GLY B 139 -2.52 -15.62 3.12
CA GLY B 139 -1.75 -16.36 2.13
C GLY B 139 -1.71 -15.64 0.79
N HIS B 140 -0.83 -16.07 -0.10
CA HIS B 140 -0.77 -15.44 -1.41
C HIS B 140 -2.11 -15.59 -2.11
N SER B 141 -2.78 -16.71 -1.92
CA SER B 141 -4.09 -16.93 -2.53
CA SER B 141 -4.11 -16.94 -2.50
C SER B 141 -5.13 -15.89 -2.08
N ASP B 142 -5.04 -15.44 -0.84
CA ASP B 142 -5.96 -14.43 -0.33
C ASP B 142 -5.81 -13.08 -1.05
N ILE B 143 -4.58 -12.71 -1.33
CA ILE B 143 -4.30 -11.40 -1.91
C ILE B 143 -4.27 -11.40 -3.43
N ALA B 144 -4.18 -12.59 -4.02
CA ALA B 144 -4.21 -12.71 -5.47
C ALA B 144 -5.06 -13.90 -5.89
N PRO B 145 -6.37 -13.86 -5.58
CA PRO B 145 -7.24 -15.01 -5.81
C PRO B 145 -7.40 -15.36 -7.30
N GLY B 146 -7.19 -14.44 -8.21
CA GLY B 146 -7.27 -14.81 -9.61
C GLY B 146 -6.06 -15.55 -10.17
N ARG B 147 -4.97 -15.59 -9.40
CA ARG B 147 -3.65 -15.99 -9.92
C ARG B 147 -2.96 -17.07 -9.11
N LYS B 148 -3.17 -17.08 -7.80
CA LYS B 148 -2.33 -17.88 -6.91
C LYS B 148 -3.14 -18.82 -6.04
N VAL B 149 -2.57 -19.98 -5.72
CA VAL B 149 -3.27 -20.93 -4.87
C VAL B 149 -2.54 -21.24 -3.57
N ASP B 150 -1.30 -20.77 -3.42
CA ASP B 150 -0.56 -21.08 -2.20
C ASP B 150 -1.06 -20.28 -0.99
N PRO B 151 -0.98 -20.87 0.22
CA PRO B 151 -0.34 -22.14 0.58
C PRO B 151 -1.22 -23.37 0.38
N GLY B 152 -2.42 -23.22 -0.17
CA GLY B 152 -3.21 -24.37 -0.62
C GLY B 152 -4.10 -25.05 0.40
N PRO B 153 -4.87 -26.08 -0.04
CA PRO B 153 -5.90 -26.72 0.79
C PRO B 153 -5.35 -27.59 1.91
N LEU B 154 -4.06 -27.91 1.89
CA LEU B 154 -3.46 -28.71 2.97
C LEU B 154 -2.75 -27.86 4.02
N PHE B 155 -2.67 -26.55 3.82
CA PHE B 155 -1.99 -25.71 4.82
C PHE B 155 -2.79 -25.66 6.12
N PRO B 156 -2.13 -25.94 7.26
CA PRO B 156 -2.85 -26.06 8.53
C PRO B 156 -3.19 -24.73 9.18
N TRP B 157 -4.09 -23.96 8.57
CA TRP B 157 -4.54 -22.70 9.13
C TRP B 157 -5.02 -22.83 10.57
N LYS B 158 -5.71 -23.92 10.91
CA LYS B 158 -6.24 -24.05 12.27
C LYS B 158 -5.14 -24.09 13.33
N ARG B 159 -4.00 -24.68 13.01
CA ARG B 159 -2.88 -24.69 13.95
C ARG B 159 -2.43 -23.26 14.25
N LEU B 160 -2.43 -22.40 13.23
CA LEU B 160 -2.09 -20.99 13.45
C LEU B 160 -3.17 -20.33 14.30
N ALA B 161 -4.41 -20.68 14.01
CA ALA B 161 -5.54 -20.11 14.75
C ALA B 161 -5.51 -20.51 16.23
N ASP B 162 -5.13 -21.75 16.51
CA ASP B 162 -5.05 -22.20 17.90
C ASP B 162 -4.03 -21.38 18.67
N ALA B 163 -3.03 -20.85 17.97
CA ALA B 163 -2.00 -20.03 18.59
C ALA B 163 -2.34 -18.54 18.55
N GLY B 164 -3.55 -18.21 18.10
CA GLY B 164 -4.02 -16.84 18.14
C GLY B 164 -3.53 -15.97 16.99
N LEU B 165 -3.03 -16.61 15.94
CA LEU B 165 -2.37 -15.89 14.85
C LEU B 165 -3.26 -15.50 13.67
N VAL B 166 -4.34 -16.24 13.44
CA VAL B 166 -5.27 -15.98 12.31
C VAL B 166 -6.70 -16.20 12.76
N PRO B 167 -7.69 -15.59 12.06
CA PRO B 167 -9.11 -15.79 12.42
C PRO B 167 -9.59 -17.20 12.13
N TRP B 168 -10.52 -17.71 12.94
CA TRP B 168 -11.07 -19.06 12.75
C TRP B 168 -12.33 -19.15 13.57
N PRO B 169 -13.32 -19.95 13.12
CA PRO B 169 -14.57 -19.99 13.89
C PRO B 169 -14.37 -20.55 15.29
N LYS B 170 -14.96 -19.93 16.32
CA LYS B 170 -14.98 -20.53 17.66
C LYS B 170 -15.74 -21.84 17.61
N PRO B 171 -15.44 -22.76 18.55
CA PRO B 171 -16.25 -23.98 18.63
C PRO B 171 -17.73 -23.64 18.77
N GLY B 172 -18.58 -24.34 18.02
CA GLY B 172 -20.01 -24.10 18.06
C GLY B 172 -20.53 -22.99 17.17
N GLU B 173 -19.65 -22.07 16.73
CA GLU B 173 -20.14 -20.93 15.95
C GLU B 173 -20.62 -21.25 14.54
N LEU B 174 -19.96 -22.17 13.86
CA LEU B 174 -20.40 -22.55 12.52
C LEU B 174 -21.83 -23.10 12.58
N ALA B 175 -22.09 -23.98 13.55
CA ALA B 175 -23.43 -24.56 13.71
C ALA B 175 -24.48 -23.47 14.00
N ARG B 176 -24.14 -22.55 14.89
CA ARG B 176 -25.04 -21.44 15.21
C ARG B 176 -25.33 -20.60 13.97
N ARG B 177 -24.29 -20.28 13.18
CA ARG B 177 -24.51 -19.48 11.97
C ARG B 177 -25.32 -20.25 10.93
N LEU B 178 -25.06 -21.54 10.83
CA LEU B 178 -25.83 -22.37 9.91
C LEU B 178 -27.30 -22.28 10.32
N ALA B 179 -27.56 -22.28 11.63
CA ALA B 179 -28.92 -22.12 12.16
C ALA B 179 -29.54 -20.74 11.88
N GLU B 180 -28.78 -19.66 11.99
CA GLU B 180 -29.31 -18.33 11.69
CA GLU B 180 -29.34 -18.33 11.69
C GLU B 180 -29.81 -18.27 10.26
N LEU B 181 -29.12 -18.99 9.37
CA LEU B 181 -29.47 -18.95 7.95
C LEU B 181 -30.84 -19.56 7.67
N ASN B 182 -31.26 -20.50 8.52
CA ASN B 182 -32.62 -21.04 8.47
C ASN B 182 -32.96 -21.63 7.09
N GLY B 183 -31.98 -22.30 6.48
CA GLY B 183 -32.19 -23.00 5.22
C GLY B 183 -32.17 -22.13 3.98
N GLN B 184 -31.95 -20.83 4.14
CA GLN B 184 -32.05 -19.89 3.02
C GLN B 184 -30.67 -19.49 2.50
N LEU B 185 -30.32 -19.92 1.28
CA LEU B 185 -29.03 -19.54 0.69
C LEU B 185 -29.08 -18.08 0.23
N PRO B 186 -28.16 -17.25 0.74
CA PRO B 186 -28.11 -15.85 0.29
C PRO B 186 -27.74 -15.72 -1.18
N ASP B 187 -28.08 -14.59 -1.80
CA ASP B 187 -27.78 -14.41 -3.21
C ASP B 187 -26.30 -14.12 -3.44
N VAL B 188 -25.88 -14.08 -4.70
CA VAL B 188 -24.47 -13.89 -5.04
C VAL B 188 -23.95 -12.55 -4.56
N ARG B 189 -24.81 -11.53 -4.62
CA ARG B 189 -24.46 -10.20 -4.12
C ARG B 189 -24.05 -10.23 -2.66
N TRP B 190 -24.80 -10.97 -1.86
CA TRP B 190 -24.48 -11.11 -0.44
C TRP B 190 -23.11 -11.75 -0.27
N PHE B 191 -22.84 -12.79 -1.06
CA PHE B 191 -21.56 -13.46 -0.99
C PHE B 191 -20.42 -12.51 -1.32
N GLN B 192 -20.59 -11.71 -2.36
CA GLN B 192 -19.56 -10.73 -2.75
C GLN B 192 -19.35 -9.69 -1.65
N GLN B 193 -20.44 -9.27 -1.00
CA GLN B 193 -20.33 -8.30 0.07
C GLN B 193 -19.55 -8.85 1.25
N GLN B 194 -19.83 -10.10 1.64
CA GLN B 194 -19.14 -10.67 2.81
C GLN B 194 -17.67 -10.87 2.48
N LEU B 195 -17.37 -11.31 1.27
CA LEU B 195 -15.97 -11.55 0.92
C LEU B 195 -15.18 -10.24 0.92
N ALA B 196 -15.79 -9.16 0.47
CA ALA B 196 -15.06 -7.88 0.49
C ALA B 196 -14.82 -7.45 1.93
N ARG B 197 -15.78 -7.72 2.79
CA ARG B 197 -15.65 -7.38 4.22
C ARG B 197 -14.48 -8.15 4.84
N HIS B 198 -14.31 -9.40 4.42
CA HIS B 198 -13.22 -10.23 4.92
C HIS B 198 -11.86 -9.76 4.40
N GLY B 199 -11.86 -9.09 3.26
CA GLY B 199 -10.64 -8.46 2.77
C GLY B 199 -10.38 -8.67 1.29
N TYR B 200 -11.14 -9.56 0.66
CA TYR B 200 -10.88 -9.94 -0.73
C TYR B 200 -11.25 -8.88 -1.74
N LEU B 201 -10.45 -8.76 -2.79
CA LEU B 201 -10.86 -8.03 -3.98
C LEU B 201 -11.86 -8.90 -4.74
N VAL B 202 -13.08 -8.41 -4.92
CA VAL B 202 -14.15 -9.23 -5.51
C VAL B 202 -15.17 -8.31 -6.19
N PRO B 203 -15.74 -8.73 -7.33
CA PRO B 203 -16.75 -7.88 -7.99
C PRO B 203 -17.99 -7.71 -7.13
N GLN B 204 -18.75 -6.65 -7.39
CA GLN B 204 -19.98 -6.37 -6.65
C GLN B 204 -21.16 -6.29 -7.62
N THR B 205 -21.14 -7.15 -8.62
CA THR B 205 -22.12 -7.16 -9.70
C THR B 205 -23.39 -7.94 -9.37
N GLY B 206 -23.30 -8.85 -8.41
CA GLY B 206 -24.40 -9.74 -8.11
C GLY B 206 -24.47 -10.92 -9.06
N GLU B 207 -23.51 -10.99 -9.99
CA GLU B 207 -23.45 -12.09 -10.95
C GLU B 207 -22.30 -13.01 -10.60
N LEU B 208 -22.52 -14.32 -10.76
CA LEU B 208 -21.49 -15.31 -10.42
C LEU B 208 -20.70 -15.71 -11.65
N GLU B 209 -19.65 -14.95 -11.96
CA GLU B 209 -18.76 -15.28 -13.06
C GLU B 209 -17.40 -15.70 -12.51
N LYS B 210 -16.43 -15.89 -13.40
CA LYS B 210 -15.13 -16.44 -13.01
C LYS B 210 -14.41 -15.70 -11.86
N ASP B 211 -14.42 -14.36 -11.86
CA ASP B 211 -13.70 -13.62 -10.81
C ASP B 211 -14.32 -13.83 -9.44
N THR B 212 -15.65 -13.88 -9.38
CA THR B 212 -16.32 -14.17 -8.12
C THR B 212 -16.07 -15.63 -7.72
N ARG B 213 -16.11 -16.55 -8.68
CA ARG B 213 -15.86 -17.95 -8.39
C ARG B 213 -14.44 -18.16 -7.87
N ASP B 214 -13.48 -17.42 -8.42
CA ASP B 214 -12.10 -17.51 -7.94
C ASP B 214 -11.99 -17.05 -6.48
N VAL B 215 -12.74 -16.03 -6.11
CA VAL B 215 -12.67 -15.51 -4.75
C VAL B 215 -13.37 -16.41 -3.75
N ILE B 216 -14.57 -16.88 -4.09
CA ILE B 216 -15.25 -17.86 -3.24
C ILE B 216 -14.38 -19.09 -3.07
N GLY B 217 -13.77 -19.53 -4.16
CA GLY B 217 -12.87 -20.68 -4.12
C GLY B 217 -11.68 -20.47 -3.21
N ALA B 218 -11.10 -19.28 -3.24
CA ALA B 218 -9.94 -19.01 -2.40
C ALA B 218 -10.34 -19.08 -0.93
N PHE B 219 -11.53 -18.56 -0.62
CA PHE B 219 -12.02 -18.58 0.75
C PHE B 219 -12.28 -20.02 1.20
N GLN B 220 -12.87 -20.81 0.29
CA GLN B 220 -13.12 -22.22 0.56
C GLN B 220 -11.84 -23.02 0.73
N MET B 221 -10.84 -22.74 -0.09
CA MET B 221 -9.58 -23.46 -0.02
C MET B 221 -8.92 -23.29 1.36
N LYS B 222 -9.19 -22.14 1.99
CA LYS B 222 -8.65 -21.81 3.30
C LYS B 222 -9.52 -22.31 4.46
N TYR B 223 -10.83 -22.12 4.35
CA TYR B 223 -11.74 -22.40 5.46
C TYR B 223 -12.61 -23.64 5.29
N ARG B 224 -12.73 -24.13 4.06
CA ARG B 224 -13.58 -25.30 3.80
C ARG B 224 -12.99 -26.15 2.66
N PRO B 225 -11.76 -26.64 2.84
CA PRO B 225 -11.06 -27.26 1.70
C PRO B 225 -11.65 -28.59 1.23
N ALA B 226 -12.72 -29.05 1.86
CA ALA B 226 -13.40 -30.26 1.37
C ALA B 226 -14.00 -30.02 -0.01
N ARG B 227 -14.35 -28.77 -0.29
CA ARG B 227 -14.83 -28.38 -1.61
C ARG B 227 -14.55 -26.90 -1.87
N PHE B 228 -13.64 -26.62 -2.80
CA PHE B 228 -13.34 -25.24 -3.19
C PHE B 228 -13.61 -25.02 -4.67
N ASP B 229 -14.85 -25.29 -5.08
CA ASP B 229 -15.26 -25.13 -6.47
C ASP B 229 -15.80 -23.75 -6.77
N GLY B 230 -15.83 -22.88 -5.76
CA GLY B 230 -16.30 -21.51 -5.96
C GLY B 230 -17.81 -21.35 -6.01
N GLU B 231 -18.55 -22.41 -5.71
CA GLU B 231 -20.02 -22.33 -5.78
C GLU B 231 -20.58 -21.95 -4.43
N PRO B 232 -21.47 -20.96 -4.39
CA PRO B 232 -22.12 -20.62 -3.12
C PRO B 232 -22.90 -21.81 -2.55
N ASP B 233 -22.77 -22.05 -1.25
CA ASP B 233 -23.60 -23.02 -0.55
C ASP B 233 -23.83 -22.56 0.89
N LEU B 234 -24.66 -23.29 1.62
CA LEU B 234 -25.01 -22.86 2.97
C LEU B 234 -23.81 -22.86 3.91
N GLU B 235 -22.94 -23.85 3.78
CA GLU B 235 -21.79 -23.96 4.67
C GLU B 235 -20.82 -22.78 4.49
N THR B 236 -20.58 -22.42 3.24
CA THR B 236 -19.71 -21.27 2.92
C THR B 236 -20.32 -19.97 3.46
N ALA B 237 -21.64 -19.80 3.30
CA ALA B 237 -22.32 -18.64 3.88
C ALA B 237 -22.15 -18.60 5.40
N ALA B 238 -22.34 -19.75 6.04
CA ALA B 238 -22.20 -19.82 7.48
C ALA B 238 -20.76 -19.46 7.92
N LEU B 239 -19.77 -19.94 7.18
CA LEU B 239 -18.37 -19.61 7.45
C LEU B 239 -18.10 -18.11 7.27
N LEU B 240 -18.75 -17.48 6.30
CA LEU B 240 -18.51 -16.05 6.07
C LEU B 240 -19.02 -15.22 7.24
N LEU B 241 -19.95 -15.79 8.01
CA LEU B 241 -20.44 -15.13 9.22
C LEU B 241 -19.60 -15.55 10.43
N ALA B 242 -19.23 -16.83 10.47
CA ALA B 242 -18.57 -17.40 11.64
C ALA B 242 -17.10 -16.98 11.79
N VAL B 243 -16.39 -16.83 10.68
CA VAL B 243 -15.02 -16.33 10.73
C VAL B 243 -15.09 -14.83 11.01
N PRO B 244 -14.54 -14.39 12.16
CA PRO B 244 -14.73 -13.00 12.57
C PRO B 244 -13.91 -12.00 11.77
N THR B 245 -14.49 -10.81 11.55
CA THR B 245 -13.80 -9.69 10.92
C THR B 245 -13.82 -8.46 11.83
N SER B 246 -14.49 -8.64 12.98
CA SER B 246 -14.40 -7.81 14.20
C SER B 246 -15.71 -7.16 14.66
#